data_5OV2
#
_entry.id   5OV2
#
_entity_poly.entity_id   1
_entity_poly.type   'polydeoxyribonucleotide'
_entity_poly.pdbx_seq_one_letter_code
;(GFL)(DG)(DG)(DA)(DT)(GFL)(DG)(DG)(DA)(DC)(DA)(DC)(DA)(DG)(DG)(DG)(DG)(DA)(DC)
(GFL)(DG)(DG)
;
_entity_poly.pdbx_strand_id   X
#
loop_
_chem_comp.id
_chem_comp.type
_chem_comp.name
_chem_comp.formula
DA DNA linking 2'-DEOXYADENOSINE-5'-MONOPHOSPHATE 'C10 H14 N5 O6 P'
DC DNA linking 2'-DEOXYCYTIDINE-5'-MONOPHOSPHATE 'C9 H14 N3 O7 P'
DG DNA linking 2'-DEOXYGUANOSINE-5'-MONOPHOSPHATE 'C10 H14 N5 O7 P'
DT DNA linking THYMIDINE-5'-MONOPHOSPHATE 'C10 H15 N2 O8 P'
GFL DNA linking 2-AMINO-9-(2-DEOXY-2-FLUORO-5-O-PHOSPHONO-BETA-D-ARABINOFURANOSYL)-1,9-DIHYDRO-6H-PURIN-6-ONE 'C10 H13 F N5 O7 P'
#
# COMPACT_ATOMS: atom_id res chain seq x y z
O5' GFL A 1 -5.26 5.86 -9.02
C5' GFL A 1 -6.37 5.36 -8.27
C4' GFL A 1 -6.15 5.44 -6.75
O4' GFL A 1 -5.10 4.59 -6.34
C3' GFL A 1 -5.85 6.86 -6.25
O3' GFL A 1 -6.88 7.26 -5.35
C2' GFL A 1 -4.48 6.74 -5.58
C1' GFL A 1 -4.43 5.23 -5.27
N9 GFL A 1 -3.07 4.65 -5.16
C8 GFL A 1 -2.09 4.57 -6.13
N7 GFL A 1 -1.01 3.94 -5.76
C5 GFL A 1 -1.30 3.55 -4.45
C6 GFL A 1 -0.52 2.84 -3.48
O6 GFL A 1 0.61 2.38 -3.62
N1 GFL A 1 -1.16 2.65 -2.28
C2 GFL A 1 -2.40 3.12 -2.00
N2 GFL A 1 -2.89 2.91 -0.82
N3 GFL A 1 -3.15 3.80 -2.86
C4 GFL A 1 -2.55 3.99 -4.07
F GFL A 1 -3.51 7.16 -6.49
H5'1 GFL A 1 -7.26 5.94 -8.52
H5'2 GFL A 1 -6.55 4.32 -8.55
H4' GFL A 1 -7.08 5.10 -6.27
H3' GFL A 1 -5.79 7.55 -7.10
H2' GFL A 1 -4.43 7.32 -4.66
H1' GFL A 1 -4.97 5.05 -4.34
H8 GFL A 1 -2.24 5.09 -7.06
HN1 GFL A 1 -0.66 2.12 -1.57
HN21 GFL A 1 -2.34 2.46 -0.10
HN22 GFL A 1 -3.79 3.31 -0.60
HO5' GFL A 1 -5.44 5.80 -9.98
P GFL A 6 -6.52 2.22 8.35
O1P GFL A 6 -6.56 2.48 9.81
O2P GFL A 6 -7.62 1.45 7.72
O5' GFL A 6 -5.13 1.50 8.02
C5' GFL A 6 -4.77 1.15 6.69
C4' GFL A 6 -3.33 0.65 6.67
O4' GFL A 6 -2.91 0.42 5.33
C3' GFL A 6 -2.35 1.66 7.29
O3' GFL A 6 -1.54 0.99 8.26
C2' GFL A 6 -1.56 2.18 6.09
C1' GFL A 6 -1.60 0.94 5.19
N9 GFL A 6 -1.32 1.21 3.76
C8 GFL A 6 -2.05 1.98 2.89
N7 GFL A 6 -1.63 1.96 1.66
C5 GFL A 6 -0.51 1.14 1.73
C6 GFL A 6 0.43 0.74 0.71
O6 GFL A 6 0.42 1.04 -0.48
N1 GFL A 6 1.45 -0.05 1.18
C2 GFL A 6 1.58 -0.41 2.48
N2 GFL A 6 2.65 -1.09 2.82
N3 GFL A 6 0.74 -0.07 3.46
C4 GFL A 6 -0.29 0.70 3.02
F GFL A 6 -2.23 3.27 5.56
H5'1 GFL A 6 -5.43 0.38 6.31
H5'2 GFL A 6 -4.84 2.03 6.04
H4' GFL A 6 -3.27 -0.29 7.23
H3' GFL A 6 -2.91 2.48 7.76
H2' GFL A 6 -0.53 2.44 6.37
H1' GFL A 6 -0.88 0.20 5.56
H8 GFL A 6 -2.86 2.58 3.27
HN1 GFL A 6 2.18 -0.28 0.52
HN21 GFL A 6 3.30 -1.42 2.13
HN22 GFL A 6 2.75 -1.33 3.79
P GFL A 20 2.87 -8.38 1.15
O1P GFL A 20 2.71 -7.63 2.43
O2P GFL A 20 1.87 -9.42 0.83
O5' GFL A 20 4.32 -9.10 1.16
C5' GFL A 20 5.51 -8.45 1.63
C4' GFL A 20 6.26 -7.68 0.54
O4' GFL A 20 5.54 -6.52 0.15
C3' GFL A 20 7.65 -7.20 0.98
O3' GFL A 20 8.60 -7.66 0.03
C2' GFL A 20 7.51 -5.68 1.05
C1' GFL A 20 6.42 -5.44 0.00
N9 GFL A 20 5.66 -4.18 0.12
C8 GFL A 20 5.13 -3.58 1.24
N7 GFL A 20 4.44 -2.50 0.99
C5 GFL A 20 4.53 -2.37 -0.40
C6 GFL A 20 3.97 -1.40 -1.29
O6 GFL A 20 3.26 -0.44 -1.00
N1 GFL A 20 4.31 -1.59 -2.61
C2 GFL A 20 5.03 -2.65 -3.04
N2 GFL A 20 5.30 -2.73 -4.32
N3 GFL A 20 5.54 -3.60 -2.26
C4 GFL A 20 5.26 -3.40 -0.93
F GFL A 20 7.15 -5.34 2.35
H5'1 GFL A 20 5.28 -7.77 2.46
H5'2 GFL A 20 6.19 -9.23 2.00
H4' GFL A 20 6.37 -8.33 -0.34
H3' GFL A 20 7.91 -7.60 1.97
H2' GFL A 20 8.43 -5.15 0.78
H1' GFL A 20 6.89 -5.50 -0.99
H8 GFL A 20 5.27 -3.97 2.24
HN1 GFL A 20 3.92 -0.94 -3.27
HN21 GFL A 20 5.01 -2.03 -4.96
HN22 GFL A 20 5.87 -3.51 -4.62
O5' GFL A 1 -6.76 3.95 -8.61
C5' GFL A 1 -6.25 5.23 -8.24
C4' GFL A 1 -6.05 5.35 -6.72
O4' GFL A 1 -4.95 4.55 -6.31
C3' GFL A 1 -5.77 6.79 -6.30
O3' GFL A 1 -6.80 7.20 -5.42
C2' GFL A 1 -4.38 6.73 -5.65
C1' GFL A 1 -4.30 5.25 -5.26
N9 GFL A 1 -2.95 4.67 -5.09
C8 GFL A 1 -1.94 4.57 -6.03
N7 GFL A 1 -0.89 3.91 -5.62
C5 GFL A 1 -1.22 3.55 -4.31
C6 GFL A 1 -0.50 2.83 -3.31
O6 GFL A 1 0.62 2.32 -3.42
N1 GFL A 1 -1.16 2.70 -2.11
C2 GFL A 1 -2.39 3.22 -1.89
N2 GFL A 1 -2.90 3.11 -0.68
N3 GFL A 1 -3.13 3.88 -2.78
C4 GFL A 1 -2.48 4.02 -3.98
F GFL A 1 -3.45 7.10 -6.61
H5'1 GFL A 1 -5.30 5.44 -8.75
H5'2 GFL A 1 -6.97 5.99 -8.55
H4' GFL A 1 -6.96 5.00 -6.22
H3' GFL A 1 -5.73 7.45 -7.18
H2' GFL A 1 -4.33 7.38 -4.77
H1' GFL A 1 -4.87 5.11 -4.34
H8 GFL A 1 -2.05 5.06 -6.98
HN1 GFL A 1 -0.67 2.23 -1.37
HN21 GFL A 1 -2.36 2.71 0.07
HN22 GFL A 1 -3.76 3.60 -0.51
HO5' GFL A 1 -6.07 3.45 -9.10
P GFL A 6 -7.16 0.58 8.36
O1P GFL A 6 -7.31 1.12 9.73
O2P GFL A 6 -7.71 -0.76 8.06
O5' GFL A 6 -5.59 0.57 7.99
C5' GFL A 6 -5.10 0.10 6.74
C4' GFL A 6 -3.57 0.07 6.74
O4' GFL A 6 -3.09 -0.01 5.40
C3' GFL A 6 -2.92 1.29 7.39
O3' GFL A 6 -2.06 0.83 8.43
C2' GFL A 6 -2.19 1.98 6.23
C1' GFL A 6 -1.92 0.78 5.32
N9 GFL A 6 -1.61 1.14 3.92
C8 GFL A 6 -2.36 1.89 3.05
N7 GFL A 6 -1.82 2.04 1.86
C5 GFL A 6 -0.62 1.34 1.96
C6 GFL A 6 0.44 1.14 1.02
O6 GFL A 6 0.53 1.56 -0.13
N1 GFL A 6 1.47 0.35 1.49
C2 GFL A 6 1.50 -0.17 2.76
N2 GFL A 6 2.51 -0.92 3.08
N3 GFL A 6 0.56 0.04 3.68
C4 GFL A 6 -0.48 0.79 3.22
F GFL A 6 -3.08 2.90 5.69
H5'1 GFL A 6 -5.46 -0.92 6.56
H5'2 GFL A 6 -5.45 0.75 5.93
H4' GFL A 6 -3.24 -0.83 7.29
H3' GFL A 6 -3.67 1.98 7.80
H2' GFL A 6 -1.27 2.47 6.54
H1' GFL A 6 -1.08 0.22 5.73
H8 GFL A 6 -3.29 2.33 3.36
HN1 GFL A 6 2.23 0.17 0.86
HN21 GFL A 6 3.23 -1.16 2.41
HN22 GFL A 6 2.52 -1.30 4.00
P GFL A 20 2.78 -8.36 1.81
O1P GFL A 20 2.40 -8.77 3.19
O2P GFL A 20 2.49 -9.29 0.70
O5' GFL A 20 4.36 -8.00 1.84
C5' GFL A 20 5.24 -8.45 0.83
C4' GFL A 20 6.17 -7.38 0.27
O4' GFL A 20 5.51 -6.15 0.06
C3' GFL A 20 7.40 -7.10 1.14
O3' GFL A 20 8.47 -7.59 0.34
C2' GFL A 20 7.31 -5.58 1.41
C1' GFL A 20 6.43 -5.11 0.26
N9 GFL A 20 5.67 -3.85 0.43
C8 GFL A 20 5.26 -3.17 1.56
N7 GFL A 20 4.55 -2.11 1.33
C5 GFL A 20 4.50 -2.05 -0.07
C6 GFL A 20 3.92 -1.08 -0.96
O6 GFL A 20 3.25 -0.09 -0.67
N1 GFL A 20 4.16 -1.33 -2.29
C2 GFL A 20 4.87 -2.40 -2.73
N2 GFL A 20 5.11 -2.48 -4.01
N3 GFL A 20 5.39 -3.34 -1.95
C4 GFL A 20 5.19 -3.09 -0.62
F GFL A 20 6.73 -5.43 2.66
H5'1 GFL A 20 5.85 -9.26 1.24
H5'2 GFL A 20 4.69 -8.85 -0.03
H4' GFL A 20 6.51 -7.74 -0.71
H3' GFL A 20 7.35 -7.65 2.08
H2' GFL A 20 8.28 -5.09 1.39
H1' GFL A 20 7.03 -5.01 -0.63
H8 GFL A 20 5.51 -3.49 2.57
HN1 GFL A 20 3.80 -0.67 -2.95
HN21 GFL A 20 4.86 -1.73 -4.64
HN22 GFL A 20 5.66 -3.26 -4.32
O5' GFL A 1 -6.90 3.79 -8.42
C5' GFL A 1 -6.44 5.10 -8.12
C4' GFL A 1 -6.26 5.28 -6.62
O4' GFL A 1 -5.15 4.53 -6.17
C3' GFL A 1 -6.02 6.75 -6.22
O3' GFL A 1 -7.04 7.14 -5.30
C2' GFL A 1 -4.62 6.75 -5.62
C1' GFL A 1 -4.48 5.29 -5.18
N9 GFL A 1 -3.11 4.76 -5.06
C8 GFL A 1 -2.13 4.64 -6.02
N7 GFL A 1 -1.05 4.00 -5.64
C5 GFL A 1 -1.34 3.68 -4.31
C6 GFL A 1 -0.57 2.98 -3.33
O6 GFL A 1 0.55 2.48 -3.46
N1 GFL A 1 -1.20 2.86 -2.11
C2 GFL A 1 -2.43 3.36 -1.85
N2 GFL A 1 -2.91 3.22 -0.65
N3 GFL A 1 -3.19 4.01 -2.72
C4 GFL A 1 -2.59 4.14 -3.95
F GFL A 1 -3.72 7.10 -6.63
H5'1 GFL A 1 -5.48 5.30 -8.62
H5'2 GFL A 1 -7.17 5.84 -8.49
H4' GFL A 1 -7.16 4.93 -6.11
H3' GFL A 1 -6.05 7.40 -7.11
H2' GFL A 1 -4.54 7.44 -4.77
H1' GFL A 1 -5.01 5.16 -4.23
H8 GFL A 1 -2.28 5.09 -6.99
HN1 GFL A 1 -0.69 2.38 -1.38
HN21 GFL A 1 -2.37 2.78 0.09
HN22 GFL A 1 -3.80 3.63 -0.44
HO5' GFL A 1 -6.74 3.59 -9.37
P GFL A 6 -6.72 0.78 8.50
O1P GFL A 6 -6.74 1.01 9.97
O2P GFL A 6 -7.79 -0.03 7.87
O5' GFL A 6 -5.30 0.18 8.08
C5' GFL A 6 -4.94 0.03 6.71
C4' GFL A 6 -3.43 -0.14 6.61
O4' GFL A 6 -3.03 -0.14 5.24
C3' GFL A 6 -2.68 1.01 7.31
O3' GFL A 6 -1.77 0.47 8.26
C2' GFL A 6 -1.97 1.75 6.17
C1' GFL A 6 -1.81 0.59 5.17
N9 GFL A 6 -1.53 1.02 3.79
C8 GFL A 6 -2.26 1.85 2.98
N7 GFL A 6 -1.74 2.04 1.80
C5 GFL A 6 -0.57 1.28 1.83
C6 GFL A 6 0.47 1.08 0.86
O6 GFL A 6 0.54 1.55 -0.27
N1 GFL A 6 1.48 0.26 1.29
C2 GFL A 6 1.51 -0.32 2.52
N2 GFL A 6 2.52 -1.09 2.82
N3 GFL A 6 0.59 -0.15 3.46
C4 GFL A 6 -0.43 0.66 3.05
F GFL A 6 -2.81 2.76 5.71
H5'1 GFL A 6 -5.44 -0.84 6.28
H5'2 GFL A 6 -5.22 0.92 6.15
H4' GFL A 6 -3.14 -1.08 7.07
H3' GFL A 6 -3.38 1.70 7.80
H2' GFL A 6 -1.00 2.14 6.47
H1' GFL A 6 -1.00 -0.05 5.53
H8 GFL A 6 -3.15 2.34 3.35
HN1 GFL A 6 2.25 0.14 0.66
HN21 GFL A 6 3.29 -1.23 2.17
HN22 GFL A 6 2.54 -1.49 3.74
P GFL A 20 3.17 -8.65 1.63
O1P GFL A 20 1.86 -8.85 2.31
O2P GFL A 20 3.92 -9.85 1.19
O5' GFL A 20 4.12 -7.81 2.63
C5' GFL A 20 5.55 -7.80 2.52
C4' GFL A 20 6.10 -7.22 1.20
O4' GFL A 20 5.43 -6.03 0.86
C3' GFL A 20 7.61 -6.89 1.29
O3' GFL A 20 8.31 -7.51 0.21
C2' GFL A 20 7.64 -5.36 1.22
C1' GFL A 20 6.38 -5.11 0.38
N9 GFL A 20 5.81 -3.76 0.43
C8 GFL A 20 5.57 -2.97 1.54
N7 GFL A 20 4.86 -1.90 1.26
C5 GFL A 20 4.69 -1.96 -0.12
C6 GFL A 20 4.04 -1.05 -1.03
O6 GFL A 20 3.42 -0.03 -0.77
N1 GFL A 20 4.16 -1.42 -2.36
C2 GFL A 20 4.78 -2.55 -2.77
N2 GFL A 20 4.86 -2.75 -4.04
N3 GFL A 20 5.35 -3.44 -1.95
C4 GFL A 20 5.29 -3.08 -0.64
F GFL A 20 7.56 -4.86 2.50
H5'1 GFL A 20 5.96 -7.20 3.35
H5'2 GFL A 20 5.93 -8.82 2.63
H4' GFL A 20 5.95 -7.96 0.40
H3' GFL A 20 8.02 -7.22 2.24
H2' GFL A 20 8.51 -4.97 0.71
H1' GFL A 20 6.62 -5.36 -0.66
H8 GFL A 20 5.91 -3.21 2.53
HN1 GFL A 20 3.72 -0.81 -3.04
HN21 GFL A 20 4.58 -2.02 -4.71
HN22 GFL A 20 5.32 -3.58 -4.37
O5' GFL A 1 -5.21 5.64 -8.85
C5' GFL A 1 -6.36 5.23 -8.09
C4' GFL A 1 -6.13 5.44 -6.58
O4' GFL A 1 -5.06 4.63 -6.12
C3' GFL A 1 -5.82 6.90 -6.24
O3' GFL A 1 -6.81 7.38 -5.35
C2' GFL A 1 -4.41 6.87 -5.63
C1' GFL A 1 -4.33 5.40 -5.19
N9 GFL A 1 -2.97 4.82 -5.08
C8 GFL A 1 -1.99 4.69 -6.04
N7 GFL A 1 -0.94 4.04 -5.66
C5 GFL A 1 -1.23 3.73 -4.33
C6 GFL A 1 -0.46 3.02 -3.34
O6 GFL A 1 0.65 2.51 -3.46
N1 GFL A 1 -1.09 2.93 -2.12
C2 GFL A 1 -2.31 3.45 -1.86
N2 GFL A 1 -2.79 3.31 -0.65
N3 GFL A 1 -3.06 4.10 -2.74
C4 GFL A 1 -2.46 4.21 -3.96
F GFL A 1 -3.49 7.21 -6.62
H5'1 GFL A 1 -7.22 5.83 -8.39
H5'2 GFL A 1 -6.58 4.18 -8.26
H4' GFL A 1 -7.03 5.15 -6.05
H3' GFL A 1 -5.80 7.51 -7.16
H2' GFL A 1 -4.33 7.54 -4.77
H1' GFL A 1 -4.82 5.32 -4.22
H8 GFL A 1 -2.13 5.14 -7.01
HN1 GFL A 1 -0.59 2.44 -1.39
HN21 GFL A 1 -2.26 2.87 0.08
HN22 GFL A 1 -3.68 3.74 -0.45
HO5' GFL A 1 -5.43 5.64 -9.80
P GFL A 6 -7.24 0.41 7.85
O1P GFL A 6 -7.54 0.64 9.29
O2P GFL A 6 -7.93 -0.69 7.14
O5' GFL A 6 -5.65 0.22 7.68
C5' GFL A 6 -5.08 0.05 6.40
C4' GFL A 6 -3.57 -0.15 6.49
O4' GFL A 6 -3.04 -0.14 5.17
C3' GFL A 6 -2.87 0.98 7.28
O3' GFL A 6 -1.96 0.40 8.23
C2' GFL A 6 -2.14 1.78 6.20
C1' GFL A 6 -1.88 0.67 5.19
N9 GFL A 6 -1.54 1.14 3.82
C8 GFL A 6 -2.23 2.01 3.02
N7 GFL A 6 -1.69 2.20 1.84
C5 GFL A 6 -0.56 1.39 1.88
C6 GFL A 6 0.48 1.15 0.91
O6 GFL A 6 0.58 1.63 -0.21
N1 GFL A 6 1.43 0.26 1.33
C2 GFL A 6 1.43 -0.33 2.55
N2 GFL A 6 2.38 -1.17 2.83
N3 GFL A 6 0.52 -0.12 3.48
C4 GFL A 6 -0.46 0.75 3.09
F GFL A 6 -3.00 2.77 5.74
H5'1 GFL A 6 -5.51 -0.83 5.91
H5'2 GFL A 6 -5.29 0.93 5.77
H4' GFL A 6 -3.36 -1.10 6.97
H3' GFL A 6 -3.59 1.61 7.79
H2' GFL A 6 -1.21 2.21 6.56
H1' GFL A 6 -1.04 0.06 5.56
H8 GFL A 6 -3.13 2.51 3.36
HN1 GFL A 6 2.19 0.07 0.67
HN21 GFL A 6 3.15 -1.34 2.18
HN22 GFL A 6 2.38 -1.59 3.75
P GFL A 20 3.61 -8.65 1.88
O1P GFL A 20 4.23 -9.38 0.75
O2P GFL A 20 2.46 -9.25 2.60
O5' GFL A 20 4.74 -8.27 2.98
C5' GFL A 20 6.13 -8.11 2.67
C4' GFL A 20 6.52 -7.23 1.46
O4' GFL A 20 5.72 -6.08 1.29
C3' GFL A 20 7.97 -6.72 1.53
O3' GFL A 20 8.76 -7.39 0.56
C2' GFL A 20 7.83 -5.20 1.28
C1' GFL A 20 6.49 -5.15 0.58
N9 GFL A 20 5.78 -3.85 0.59
C8 GFL A 20 5.46 -3.06 1.68
N7 GFL A 20 4.75 -2.02 1.38
C5 GFL A 20 4.64 -2.07 -0.01
C6 GFL A 20 4.02 -1.17 -0.95
O6 GFL A 20 3.39 -0.15 -0.70
N1 GFL A 20 4.20 -1.53 -2.26
C2 GFL A 20 4.86 -2.65 -2.65
N2 GFL A 20 5.05 -2.82 -3.92
N3 GFL A 20 5.41 -3.54 -1.82
C4 GFL A 20 5.28 -3.18 -0.51
F GFL A 20 7.84 -4.56 2.51
H5'1 GFL A 20 6.61 -7.68 3.57
H5'2 GFL A 20 6.57 -9.10 2.52
H4' GFL A 20 6.42 -7.85 0.55
H3' GFL A 20 8.39 -6.88 2.53
H2' GFL A 20 8.61 -4.80 0.65
H1' GFL A 20 6.61 -5.48 -0.45
H8 GFL A 20 5.79 -3.32 2.67
HN1 GFL A 20 3.79 -0.92 -2.95
HN21 GFL A 20 4.80 -2.11 -4.59
HN22 GFL A 20 5.56 -3.64 -4.21
O5' GFL A 1 -5.04 5.93 -8.85
C5' GFL A 1 -6.18 5.68 -8.03
C4' GFL A 1 -5.89 5.85 -6.54
O4' GFL A 1 -4.93 4.90 -6.12
C3' GFL A 1 -5.38 7.24 -6.16
O3' GFL A 1 -6.34 7.89 -5.34
C2' GFL A 1 -4.04 6.98 -5.47
C1' GFL A 1 -4.15 5.50 -5.11
N9 GFL A 1 -2.86 4.74 -5.04
C8 GFL A 1 -1.93 4.56 -6.03
N7 GFL A 1 -0.96 3.76 -5.71
C5 GFL A 1 -1.26 3.39 -4.39
C6 GFL A 1 -0.57 2.53 -3.47
O6 GFL A 1 0.45 1.88 -3.68
N1 GFL A 1 -1.17 2.45 -2.23
C2 GFL A 1 -2.31 3.11 -1.92
N2 GFL A 1 -2.76 2.99 -0.70
N3 GFL A 1 -3.00 3.89 -2.75
C4 GFL A 1 -2.42 3.99 -3.97
F GFL A 1 -3.02 7.28 -6.37
H5'1 GFL A 1 -6.97 6.39 -8.31
H5'2 GFL A 1 -6.56 4.68 -8.21
H4' GFL A 1 -6.82 5.66 -5.99
H3' GFL A 1 -5.21 7.82 -7.08
H2' GFL A 1 -3.94 7.60 -4.56
H1' GFL A 1 -4.67 5.41 -4.14
H8 GFL A 1 -2.02 5.10 -6.95
HN1 GFL A 1 -0.69 1.90 -1.54
HN21 GFL A 1 -2.24 2.49 0.01
HN22 GFL A 1 -3.58 3.51 -0.46
HO5' GFL A 1 -4.40 5.20 -8.73
P GFL A 6 -6.92 0.72 8.11
O1P GFL A 6 -7.19 0.82 9.56
O2P GFL A 6 -7.66 -0.28 7.30
O5' GFL A 6 -5.34 0.50 7.89
C5' GFL A 6 -4.80 0.34 6.59
C4' GFL A 6 -3.29 0.10 6.64
O4' GFL A 6 -2.81 -0.05 5.31
C3' GFL A 6 -2.54 1.27 7.29
O3' GFL A 6 -1.70 0.79 8.32
C2' GFL A 6 -1.78 1.89 6.12
C1' GFL A 6 -1.60 0.69 5.21
N9 GFL A 6 -1.33 1.00 3.80
C8 GFL A 6 -2.05 1.80 2.94
N7 GFL A 6 -1.58 1.87 1.73
C5 GFL A 6 -0.45 1.05 1.78
C6 GFL A 6 0.52 0.72 0.77
O6 GFL A 6 0.54 1.09 -0.40
N1 GFL A 6 1.51 -0.13 1.22
C2 GFL A 6 1.57 -0.61 2.49
N2 GFL A 6 2.59 -1.37 2.79
N3 GFL A 6 0.71 -0.30 3.46
C4 GFL A 6 -0.28 0.52 3.04
F GFL A 6 -2.56 2.91 5.58
H5'1 GFL A 6 -5.28 -0.52 6.10
H5'2 GFL A 6 -5.00 1.25 5.99
H4' GFL A 6 -3.10 -0.81 7.21
H3' GFL A 6 -3.25 2.00 7.70
H2' GFL A 6 -0.81 2.29 6.44
H1' GFL A 6 -0.79 0.07 5.61
H8 GFL A 6 -2.91 2.35 3.29
HN1 GFL A 6 2.23 -0.36 0.55
HN21 GFL A 6 3.27 -1.64 2.10
HN22 GFL A 6 2.65 -1.71 3.73
P GFL A 20 3.15 -8.65 1.56
O1P GFL A 20 2.66 -9.72 0.65
O2P GFL A 20 3.14 -8.90 3.02
O5' GFL A 20 4.65 -8.23 1.16
C5' GFL A 20 5.30 -8.66 -0.03
C4' GFL A 20 6.43 -7.69 -0.43
O4' GFL A 20 5.84 -6.44 -0.75
C3' GFL A 20 7.50 -7.46 0.64
O3' GFL A 20 8.76 -7.73 0.02
C2' GFL A 20 7.25 -6.01 1.09
C1' GFL A 20 6.60 -5.41 -0.17
N9 GFL A 20 5.77 -4.20 0.04
C8 GFL A 20 5.36 -3.55 1.18
N7 GFL A 20 4.58 -2.52 0.95
C5 GFL A 20 4.56 -2.43 -0.45
C6 GFL A 20 3.95 -1.46 -1.33
O6 GFL A 20 3.21 -0.53 -1.02
N1 GFL A 20 4.28 -1.64 -2.65
C2 GFL A 20 5.04 -2.66 -3.10
N2 GFL A 20 5.34 -2.68 -4.37
N3 GFL A 20 5.60 -3.59 -2.33
C4 GFL A 20 5.32 -3.42 -1.01
F GFL A 20 6.42 -6.04 2.19
H5'1 GFL A 20 5.72 -9.65 0.12
H5'2 GFL A 20 4.58 -8.70 -0.84
H4' GFL A 20 6.90 -8.10 -1.34
H3' GFL A 20 7.36 -8.13 1.49
H2' GFL A 20 8.16 -5.46 1.32
H1' GFL A 20 7.37 -5.13 -0.87
H8 GFL A 20 5.63 -3.87 2.18
HN1 GFL A 20 3.91 -0.96 -3.31
HN21 GFL A 20 5.07 -1.93 -5.00
HN22 GFL A 20 5.96 -3.42 -4.69
O5' GFL A 1 -6.80 3.93 -8.60
C5' GFL A 1 -6.39 5.20 -8.11
C4' GFL A 1 -6.30 5.21 -6.58
O4' GFL A 1 -5.20 4.43 -6.16
C3' GFL A 1 -6.11 6.63 -6.04
O3' GFL A 1 -7.12 6.90 -5.07
C2' GFL A 1 -4.70 6.62 -5.43
C1' GFL A 1 -4.55 5.12 -5.10
N9 GFL A 1 -3.16 4.61 -5.00
C8 GFL A 1 -2.18 4.56 -5.97
N7 GFL A 1 -1.12 3.88 -5.64
C5 GFL A 1 -1.41 3.46 -4.33
C6 GFL A 1 -0.67 2.67 -3.40
O6 GFL A 1 0.42 2.13 -3.57
N1 GFL A 1 -1.28 2.51 -2.18
C2 GFL A 1 -2.49 3.04 -1.87
N2 GFL A 1 -2.94 2.86 -0.66
N3 GFL A 1 -3.24 3.75 -2.71
C4 GFL A 1 -2.64 3.93 -3.92
F GFL A 1 -3.81 7.06 -6.40
H5'1 GFL A 1 -5.40 5.47 -8.52
H5'2 GFL A 1 -7.10 5.95 -8.44
H4' GFL A 1 -7.22 4.79 -6.17
H3' GFL A 1 -6.15 7.37 -6.85
H2' GFL A 1 -4.65 7.23 -4.52
H1' GFL A 1 -5.09 4.92 -4.17
H8 GFL A 1 -2.32 5.08 -6.90
HN1 GFL A 1 -0.78 1.97 -1.49
HN21 GFL A 1 -2.38 2.41 0.05
HN22 GFL A 1 -3.82 3.31 -0.43
HO5' GFL A 1 -6.14 3.26 -8.32
P GFL A 6 -6.67 1.25 8.37
O1P GFL A 6 -6.75 1.66 9.80
O2P GFL A 6 -7.70 0.34 7.80
O5' GFL A 6 -5.22 0.64 8.07
C5' GFL A 6 -4.79 0.36 6.74
C4' GFL A 6 -3.29 0.05 6.70
O4' GFL A 6 -2.87 -0.05 5.35
C3' GFL A 6 -2.46 1.16 7.37
O3' GFL A 6 -1.57 0.56 8.31
C2' GFL A 6 -1.74 1.83 6.21
C1' GFL A 6 -1.63 0.64 5.25
N9 GFL A 6 -1.38 1.01 3.85
C8 GFL A 6 -2.10 1.83 3.01
N7 GFL A 6 -1.65 1.90 1.79
C5 GFL A 6 -0.51 1.08 1.83
C6 GFL A 6 0.43 0.74 0.80
O6 GFL A 6 0.43 1.10 -0.37
N1 GFL A 6 1.44 -0.09 1.23
C2 GFL A 6 1.52 -0.56 2.50
N2 GFL A 6 2.55 -1.31 2.81
N3 GFL A 6 0.68 -0.27 3.48
C4 GFL A 6 -0.33 0.55 3.08
F GFL A 6 -2.52 2.87 5.74
H5'1 GFL A 6 -5.35 -0.49 6.35
H5'2 GFL A 6 -4.97 1.23 6.10
H4' GFL A 6 -3.12 -0.89 7.22
H3' GFL A 6 -3.12 1.88 7.87
H2' GFL A 6 -0.75 2.19 6.50
H1' GFL A 6 -0.84 -0.02 5.60
H8 GFL A 6 -2.95 2.37 3.39
HN1 GFL A 6 2.15 -0.33 0.55
HN21 GFL A 6 3.23 -1.58 2.11
HN22 GFL A 6 2.61 -1.65 3.75
P GFL A 20 2.64 -9.03 0.89
O1P GFL A 20 1.83 -9.91 0.02
O2P GFL A 20 2.83 -9.42 2.30
O5' GFL A 20 4.11 -8.84 0.22
C5' GFL A 20 5.25 -8.46 0.99
C4' GFL A 20 6.25 -7.71 0.12
O4' GFL A 20 5.63 -6.49 -0.28
C3' GFL A 20 7.54 -7.34 0.87
O3' GFL A 20 8.63 -7.69 0.03
C2' GFL A 20 7.38 -5.83 1.13
C1' GFL A 20 6.51 -5.41 -0.06
N9 GFL A 20 5.71 -4.17 0.10
C8 GFL A 20 5.23 -3.55 1.23
N7 GFL A 20 4.47 -2.52 0.99
C5 GFL A 20 4.50 -2.41 -0.41
C6 GFL A 20 3.90 -1.45 -1.29
O6 GFL A 20 3.17 -0.51 -0.99
N1 GFL A 20 4.23 -1.64 -2.61
C2 GFL A 20 5.00 -2.66 -3.05
N2 GFL A 20 5.31 -2.67 -4.32
N3 GFL A 20 5.56 -3.58 -2.27
C4 GFL A 20 5.27 -3.40 -0.95
F GFL A 20 6.78 -5.71 2.37
H5'1 GFL A 20 4.94 -7.82 1.81
H5'2 GFL A 20 5.72 -9.36 1.40
H4' GFL A 20 6.49 -8.30 -0.77
H3' GFL A 20 7.62 -7.88 1.82
H2' GFL A 20 8.32 -5.29 1.11
H1' GFL A 20 7.13 -5.30 -0.93
H8 GFL A 20 5.43 -3.90 2.24
HN1 GFL A 20 3.84 -0.97 -3.27
HN21 GFL A 20 5.02 -1.93 -4.94
HN22 GFL A 20 5.91 -3.41 -4.64
O5' GFL A 1 -7.77 3.54 -7.26
C5' GFL A 1 -7.17 4.82 -7.37
C4' GFL A 1 -6.57 5.22 -6.01
O4' GFL A 1 -5.44 4.41 -5.73
C3' GFL A 1 -6.11 6.68 -5.95
O3' GFL A 1 -7.04 7.43 -5.17
C2' GFL A 1 -4.71 6.61 -5.33
C1' GFL A 1 -4.63 5.15 -4.84
N9 GFL A 1 -3.29 4.51 -4.84
C8 GFL A 1 -2.41 4.36 -5.88
N7 GFL A 1 -1.35 3.64 -5.59
C5 GFL A 1 -1.56 3.30 -4.25
C6 GFL A 1 -0.79 2.50 -3.35
O6 GFL A 1 0.27 1.92 -3.58
N1 GFL A 1 -1.32 2.42 -2.08
C2 GFL A 1 -2.48 3.01 -1.72
N2 GFL A 1 -2.85 2.91 -0.47
N3 GFL A 1 -3.25 3.74 -2.53
C4 GFL A 1 -2.74 3.85 -3.78
F GFL A 1 -3.79 6.91 -6.32
H5'1 GFL A 1 -6.37 4.82 -8.12
H5'2 GFL A 1 -7.92 5.57 -7.65
H4' GFL A 1 -7.33 5.06 -5.23
H3' GFL A 1 -6.04 7.10 -6.96
H2' GFL A 1 -4.61 7.29 -4.48
H1' GFL A 1 -5.06 5.09 -3.85
H8 GFL A 1 -2.58 4.84 -6.83
HN1 GFL A 1 -0.80 1.90 -1.41
HN21 GFL A 1 -2.26 2.44 0.21
HN22 GFL A 1 -3.67 3.41 -0.19
HO5' GFL A 1 -8.27 3.33 -8.08
P GFL A 6 -6.27 2.42 5.86
O1P GFL A 6 -7.37 1.44 5.64
O2P GFL A 6 -6.08 3.53 4.89
O5' GFL A 6 -4.88 1.63 6.01
C5' GFL A 6 -4.79 0.41 6.74
C4' GFL A 6 -3.34 -0.07 6.81
O4' GFL A 6 -2.83 -0.21 5.48
C3' GFL A 6 -2.43 0.92 7.56
O3' GFL A 6 -1.67 0.18 8.51
C2' GFL A 6 -1.57 1.55 6.47
C1' GFL A 6 -1.57 0.42 5.42
N9 GFL A 6 -1.34 0.86 4.03
C8 GFL A 6 -2.08 1.73 3.27
N7 GFL A 6 -1.67 1.85 2.03
C5 GFL A 6 -0.55 1.02 1.99
C6 GFL A 6 0.38 0.73 0.93
O6 GFL A 6 0.38 1.15 -0.22
N1 GFL A 6 1.40 -0.13 1.31
C2 GFL A 6 1.51 -0.65 2.55
N2 GFL A 6 2.54 -1.40 2.81
N3 GFL A 6 0.69 -0.40 3.56
C4 GFL A 6 -0.32 0.43 3.21
F GFL A 6 -2.15 2.74 6.05
H5'1 GFL A 6 -5.16 0.58 7.76
H5'2 GFL A 6 -5.39 -0.36 6.26
H4' GFL A 6 -3.31 -1.03 7.31
H3' GFL A 6 -3.03 1.69 8.05
H2' GFL A 6 -0.55 1.74 6.80
H1' GFL A 6 -0.81 -0.30 5.71
H8 GFL A 6 -2.88 2.28 3.74
HN1 GFL A 6 2.08 -0.34 0.60
HN21 GFL A 6 3.22 -1.64 2.09
HN22 GFL A 6 2.64 -1.76 3.74
P GFL A 20 2.91 -8.80 1.24
O1P GFL A 20 3.19 -9.08 2.67
O2P GFL A 20 2.04 -9.76 0.50
O5' GFL A 20 4.32 -8.68 0.46
C5' GFL A 20 5.51 -8.27 1.13
C4' GFL A 20 6.42 -7.49 0.16
O4' GFL A 20 5.74 -6.31 -0.23
C3' GFL A 20 7.76 -7.06 0.76
O3' GFL A 20 8.80 -7.46 -0.15
C2' GFL A 20 7.63 -5.55 0.94
C1' GFL A 20 6.61 -5.22 -0.16
N9 GFL A 20 5.82 -3.98 0.00
C8 GFL A 20 5.32 -3.38 1.14
N7 GFL A 20 4.48 -2.41 0.90
C5 GFL A 20 4.47 -2.32 -0.49
C6 GFL A 20 3.76 -1.43 -1.36
O6 GFL A 20 2.92 -0.59 -1.07
N1 GFL A 20 4.10 -1.58 -2.69
C2 GFL A 20 4.97 -2.51 -3.14
N2 GFL A 20 5.30 -2.48 -4.41
N3 GFL A 20 5.61 -3.39 -2.38
C4 GFL A 20 5.32 -3.24 -1.04
F GFL A 20 7.17 -5.32 2.23
H5'1 GFL A 20 5.28 -7.62 1.97
H5'2 GFL A 20 6.05 -9.14 1.49
H4' GFL A 20 6.60 -8.10 -0.73
H3' GFL A 20 7.93 -7.53 1.74
H2' GFL A 20 8.55 -5.01 0.77
H1' GFL A 20 7.13 -5.15 -1.12
H8 GFL A 20 5.58 -3.70 2.14
HN1 GFL A 20 3.66 -0.95 -3.35
HN21 GFL A 20 4.94 -1.76 -5.03
HN22 GFL A 20 6.00 -3.13 -4.72
O5' GFL A 1 -7.04 3.51 -8.30
C5' GFL A 1 -6.61 4.83 -8.00
C4' GFL A 1 -6.37 5.01 -6.50
O4' GFL A 1 -5.22 4.29 -6.09
C3' GFL A 1 -6.15 6.49 -6.16
O3' GFL A 1 -7.14 6.89 -5.24
C2' GFL A 1 -4.71 6.54 -5.61
C1' GFL A 1 -4.53 5.08 -5.14
N9 GFL A 1 -3.15 4.58 -5.04
C8 GFL A 1 -2.20 4.47 -6.04
N7 GFL A 1 -1.11 3.85 -5.68
C5 GFL A 1 -1.34 3.53 -4.34
C6 GFL A 1 -0.55 2.83 -3.38
O6 GFL A 1 0.55 2.30 -3.55
N1 GFL A 1 -1.13 2.74 -2.13
C2 GFL A 1 -2.35 3.25 -1.83
N2 GFL A 1 -2.76 3.16 -0.60
N3 GFL A 1 -3.13 3.88 -2.70
C4 GFL A 1 -2.58 3.99 -3.94
F GFL A 1 -3.85 6.88 -6.66
H5'1 GFL A 1 -5.68 5.06 -8.54
H5'2 GFL A 1 -7.38 5.54 -8.32
H4' GFL A 1 -7.24 4.65 -5.95
H3' GFL A 1 -6.20 7.11 -7.07
H2' GFL A 1 -4.62 7.24 -4.78
H1' GFL A 1 -5.02 4.98 -4.17
H8 GFL A 1 -2.37 4.90 -7.01
HN1 GFL A 1 -0.60 2.24 -1.43
HN21 GFL A 1 -2.16 2.77 0.13
HN22 GFL A 1 -3.62 3.60 -0.37
HO5' GFL A 1 -6.35 2.88 -8.01
P GFL A 6 -5.74 3.55 5.91
O1P GFL A 6 -6.95 2.85 5.41
O2P GFL A 6 -5.22 4.72 5.17
O5' GFL A 6 -4.55 2.49 6.06
C5' GFL A 6 -4.73 1.23 6.68
C4' GFL A 6 -3.40 0.47 6.69
O4' GFL A 6 -2.95 0.33 5.35
C3' GFL A 6 -2.31 1.22 7.48
O3' GFL A 6 -1.66 0.26 8.31
C2' GFL A 6 -1.38 1.77 6.41
C1' GFL A 6 -1.59 0.74 5.30
N9 GFL A 6 -1.28 1.19 3.93
C8 GFL A 6 -1.94 2.12 3.19
N7 GFL A 6 -1.52 2.22 1.95
C5 GFL A 6 -0.44 1.32 1.92
C6 GFL A 6 0.49 0.98 0.88
O6 GFL A 6 0.54 1.41 -0.27
N1 GFL A 6 1.46 0.09 1.28
C2 GFL A 6 1.53 -0.45 2.53
N2 GFL A 6 2.52 -1.23 2.82
N3 GFL A 6 0.69 -0.17 3.52
C4 GFL A 6 -0.27 0.71 3.14
F GFL A 6 -1.78 3.07 6.08
H5'1 GFL A 6 -5.06 1.37 7.71
H5'2 GFL A 6 -5.47 0.64 6.13
H4' GFL A 6 -3.56 -0.53 7.13
H3' GFL A 6 -2.76 2.02 8.07
H2' GFL A 6 -0.34 1.78 6.73
H1' GFL A 6 -0.97 -0.13 5.54
H8 GFL A 6 -2.67 2.73 3.68
HN1 GFL A 6 2.18 -0.13 0.60
HN21 GFL A 6 3.21 -1.48 2.12
HN22 GFL A 6 2.59 -1.57 3.77
P GFL A 20 2.60 -8.60 1.55
O1P GFL A 20 2.90 -8.81 3.00
O2P GFL A 20 1.70 -9.57 0.87
O5' GFL A 20 4.01 -8.57 0.75
C5' GFL A 20 5.23 -8.19 1.38
C4' GFL A 20 6.18 -7.53 0.36
O4' GFL A 20 5.55 -6.33 -0.06
C3' GFL A 20 7.54 -7.15 0.98
O3' GFL A 20 8.56 -7.58 0.07
C2' GFL A 20 7.45 -5.62 1.13
C1' GFL A 20 6.46 -5.27 0.01
N9 GFL A 20 5.69 -4.01 0.14
C8 GFL A 20 5.24 -3.36 1.27
N7 GFL A 20 4.49 -2.32 1.01
C5 GFL A 20 4.50 -2.24 -0.38
C6 GFL A 20 3.91 -1.29 -1.28
O6 GFL A 20 3.17 -0.35 -1.00
N1 GFL A 20 4.24 -1.49 -2.60
C2 GFL A 20 5.02 -2.51 -3.03
N2 GFL A 20 5.35 -2.56 -4.29
N3 GFL A 20 5.55 -3.45 -2.24
C4 GFL A 20 5.26 -3.25 -0.92
F GFL A 20 6.98 -5.37 2.41
H5'1 GFL A 20 5.03 -7.46 2.17
H5'2 GFL A 20 5.71 -9.06 1.82
H4' GFL A 20 6.32 -8.21 -0.48
H3' GFL A 20 7.68 -7.61 1.96
H2' GFL A 20 8.40 -5.11 0.97
H1' GFL A 20 6.98 -5.22 -0.94
H8 GFL A 20 5.47 -3.69 2.29
HN1 GFL A 20 3.87 -0.83 -3.27
HN21 GFL A 20 5.06 -1.82 -4.93
HN22 GFL A 20 5.95 -3.30 -4.59
O5' GFL A 1 -7.17 3.85 -7.93
C5' GFL A 1 -6.70 5.19 -7.73
C4' GFL A 1 -6.28 5.44 -6.28
O4' GFL A 1 -5.15 4.65 -5.93
C3' GFL A 1 -5.89 6.91 -6.07
O3' GFL A 1 -6.84 7.53 -5.21
C2' GFL A 1 -4.47 6.86 -5.48
C1' GFL A 1 -4.38 5.40 -5.01
N9 GFL A 1 -3.03 4.79 -4.94
C8 GFL A 1 -2.11 4.62 -5.94
N7 GFL A 1 -1.06 3.91 -5.60
C5 GFL A 1 -1.32 3.60 -4.26
C6 GFL A 1 -0.57 2.83 -3.32
O6 GFL A 1 0.49 2.23 -3.49
N1 GFL A 1 -1.16 2.75 -2.07
C2 GFL A 1 -2.34 3.33 -1.76
N2 GFL A 1 -2.80 3.20 -0.55
N3 GFL A 1 -3.08 4.04 -2.61
C4 GFL A 1 -2.51 4.15 -3.85
F GFL A 1 -3.57 7.15 -6.51
H5'1 GFL A 1 -5.85 5.37 -8.38
H5'2 GFL A 1 -7.50 5.88 -7.99
H4' GFL A 1 -7.10 5.20 -5.61
H3' GFL A 1 -5.86 7.43 -7.04
H2' GFL A 1 -4.36 7.55 -4.65
H1' GFL A 1 -4.85 5.34 -4.02
H8 GFL A 1 -2.26 5.07 -6.91
HN1 GFL A 1 -0.65 2.23 -1.36
HN21 GFL A 1 -2.26 2.74 0.17
HN22 GFL A 1 -3.66 3.66 -0.33
HO5' GFL A 1 -7.92 3.65 -7.33
P GFL A 6 -7.09 0.71 7.83
O1P GFL A 6 -7.44 1.00 9.25
O2P GFL A 6 -7.83 -0.36 7.11
O5' GFL A 6 -5.52 0.39 7.75
C5' GFL A 6 -4.90 0.17 6.49
C4' GFL A 6 -3.39 -0.02 6.64
O4' GFL A 6 -2.84 -0.07 5.33
C3' GFL A 6 -2.71 1.12 7.40
O3' GFL A 6 -1.83 0.55 8.38
C2' GFL A 6 -1.96 1.89 6.31
C1' GFL A 6 -1.68 0.76 5.33
N9 GFL A 6 -1.39 1.19 3.94
C8 GFL A 6 -2.10 2.03 3.12
N7 GFL A 6 -1.59 2.16 1.92
C5 GFL A 6 -0.45 1.35 1.96
C6 GFL A 6 0.53 1.05 0.96
O6 GFL A 6 0.58 1.46 -0.20
N1 GFL A 6 1.51 0.19 1.40
C2 GFL A 6 1.54 -0.34 2.65
N2 GFL A 6 2.52 -1.14 2.96
N3 GFL A 6 0.67 -0.08 3.60
C4 GFL A 6 -0.32 0.76 3.19
F GFL A 6 -2.81 2.88 5.82
H5'1 GFL A 6 -5.32 -0.74 6.03
H5'2 GFL A 6 -5.09 1.02 5.83
H4' GFL A 6 -3.20 -0.97 7.15
H3' GFL A 6 -3.44 1.77 7.89
H2' GFL A 6 -1.03 2.33 6.68
H1' GFL A 6 -0.84 0.18 5.70
H8 GFL A 6 -2.98 2.55 3.46
HN1 GFL A 6 2.24 -0.03 0.73
HN21 GFL A 6 3.24 -1.38 2.29
HN22 GFL A 6 2.53 -1.51 3.90
P GFL A 20 2.75 -8.36 1.81
O1P GFL A 20 1.80 -9.32 1.19
O2P GFL A 20 3.02 -8.47 3.27
O5' GFL A 20 4.16 -8.47 1.03
C5' GFL A 20 5.40 -8.10 1.64
C4' GFL A 20 6.31 -7.40 0.63
O4' GFL A 20 5.65 -6.23 0.18
C3' GFL A 20 7.66 -6.96 1.24
O3' GFL A 20 8.70 -7.39 0.37
C2' GFL A 20 7.51 -5.44 1.36
C1' GFL A 20 6.53 -5.14 0.24
N9 GFL A 20 5.74 -3.90 0.35
C8 GFL A 20 5.29 -3.21 1.46
N7 GFL A 20 4.53 -2.19 1.18
C5 GFL A 20 4.52 -2.15 -0.22
C6 GFL A 20 3.91 -1.24 -1.13
O6 GFL A 20 3.20 -0.28 -0.87
N1 GFL A 20 4.20 -1.49 -2.46
C2 GFL A 20 4.96 -2.54 -2.85
N2 GFL A 20 5.24 -2.63 -4.13
N3 GFL A 20 5.53 -3.43 -2.05
C4 GFL A 20 5.28 -3.18 -0.73
F GFL A 20 7.05 -5.18 2.64
H5'1 GFL A 20 5.23 -7.42 2.48
H5'2 GFL A 20 5.89 -9.00 2.02
H4' GFL A 20 6.49 -8.06 -0.22
H3' GFL A 20 7.80 -7.40 2.23
H2' GFL A 20 8.45 -4.91 1.20
H1' GFL A 20 7.07 -5.10 -0.70
H8 GFL A 20 5.51 -3.52 2.48
HN1 GFL A 20 3.80 -0.87 -3.14
HN21 GFL A 20 4.96 -1.92 -4.78
HN22 GFL A 20 5.85 -3.38 -4.42
O5' GFL A 1 -7.16 3.63 -8.13
C5' GFL A 1 -6.55 4.90 -7.96
C4' GFL A 1 -6.31 5.17 -6.48
O4' GFL A 1 -5.19 4.41 -6.03
C3' GFL A 1 -6.01 6.66 -6.18
O3' GFL A 1 -6.98 7.11 -5.25
C2' GFL A 1 -4.57 6.66 -5.66
C1' GFL A 1 -4.44 5.22 -5.13
N9 GFL A 1 -3.07 4.67 -5.05
C8 GFL A 1 -2.14 4.50 -6.06
N7 GFL A 1 -1.05 3.89 -5.69
C5 GFL A 1 -1.27 3.62 -4.33
C6 GFL A 1 -0.46 2.95 -3.36
O6 GFL A 1 0.65 2.45 -3.52
N1 GFL A 1 -1.05 2.87 -2.11
C2 GFL A 1 -2.27 3.39 -1.83
N2 GFL A 1 -2.70 3.30 -0.60
N3 GFL A 1 -3.05 4.02 -2.69
C4 GFL A 1 -2.50 4.10 -3.94
F GFL A 1 -3.73 6.93 -6.74
H5'1 GFL A 1 -5.60 4.96 -8.50
H5'2 GFL A 1 -7.22 5.68 -8.35
H4' GFL A 1 -7.19 4.87 -5.91
H3' GFL A 1 -6.07 7.24 -7.11
H2' GFL A 1 -4.45 7.39 -4.86
H1' GFL A 1 -4.92 5.17 -4.15
H8 GFL A 1 -2.33 4.89 -7.04
HN1 GFL A 1 -0.53 2.38 -1.40
HN21 GFL A 1 -2.14 2.88 0.13
HN22 GFL A 1 -3.58 3.75 -0.39
HO5' GFL A 1 -6.64 3.09 -8.76
P GFL A 6 -6.46 2.30 6.73
O1P GFL A 6 -7.75 2.08 6.04
O2P GFL A 6 -6.39 2.16 8.21
O5' GFL A 6 -5.33 1.41 6.04
C5' GFL A 6 -4.96 0.13 6.53
C4' GFL A 6 -3.45 -0.05 6.46
O4' GFL A 6 -2.97 0.01 5.12
C3' GFL A 6 -2.71 1.04 7.27
O3' GFL A 6 -1.93 0.41 8.28
C2' GFL A 6 -1.85 1.77 6.22
C1' GFL A 6 -1.71 0.67 5.16
N9 GFL A 6 -1.36 1.15 3.81
C8 GFL A 6 -2.02 2.04 3.01
N7 GFL A 6 -1.50 2.20 1.83
C5 GFL A 6 -0.39 1.34 1.85
C6 GFL A 6 0.61 1.06 0.86
O6 GFL A 6 0.69 1.50 -0.28
N1 GFL A 6 1.58 0.18 1.30
C2 GFL A 6 1.58 -0.40 2.53
N2 GFL A 6 2.53 -1.22 2.83
N3 GFL A 6 0.69 -0.15 3.48
C4 GFL A 6 -0.28 0.73 3.07
F GFL A 6 -2.54 2.89 5.77
H5'1 GFL A 6 -5.26 0.02 7.57
H5'2 GFL A 6 -5.46 -0.64 5.93
H4' GFL A 6 -3.19 -1.02 6.89
H3' GFL A 6 -3.42 1.74 7.71
H2' GFL A 6 -0.88 2.06 6.61
H1' GFL A 6 -0.95 -0.03 5.50
H8 GFL A 6 -2.88 2.57 3.39
HN1 GFL A 6 2.32 -0.04 0.63
HN21 GFL A 6 3.28 -1.44 2.18
HN22 GFL A 6 2.53 -1.63 3.76
P GFL A 20 2.71 -8.48 1.67
O1P GFL A 20 1.80 -9.45 1.00
O2P GFL A 20 2.99 -8.66 3.12
O5' GFL A 20 4.13 -8.51 0.88
C5' GFL A 20 5.35 -8.14 1.51
C4' GFL A 20 6.31 -7.47 0.50
O4' GFL A 20 5.66 -6.28 0.06
C3' GFL A 20 7.66 -7.07 1.13
O3' GFL A 20 8.68 -7.53 0.24
C2' GFL A 20 7.55 -5.54 1.24
C1' GFL A 20 6.56 -5.20 0.11
N9 GFL A 20 5.80 -3.94 0.24
C8 GFL A 20 5.36 -3.27 1.35
N7 GFL A 20 4.64 -2.21 1.09
C5 GFL A 20 4.64 -2.16 -0.30
C6 GFL A 20 4.06 -1.20 -1.21
O6 GFL A 20 3.37 -0.23 -0.93
N1 GFL A 20 4.36 -1.45 -2.53
C2 GFL A 20 5.09 -2.51 -2.95
N2 GFL A 20 5.36 -2.60 -4.23
N3 GFL A 20 5.62 -3.44 -2.16
C4 GFL A 20 5.37 -3.20 -0.83
F GFL A 20 7.06 -5.29 2.52
H5'1 GFL A 20 5.16 -7.43 2.32
H5'2 GFL A 20 5.82 -9.03 1.92
H4' GFL A 20 6.47 -8.15 -0.34
H3' GFL A 20 7.79 -7.52 2.11
H2' GFL A 20 8.49 -5.03 1.09
H1' GFL A 20 7.10 -5.17 -0.82
H8 GFL A 20 5.57 -3.59 2.38
HN1 GFL A 20 3.99 -0.79 -3.21
HN21 GFL A 20 5.08 -1.88 -4.88
HN22 GFL A 20 5.91 -3.38 -4.53
#